data_1LM6
#
_entry.id   1LM6
#
_cell.length_a   49.709
_cell.length_b   49.709
_cell.length_c   91.407
_cell.angle_alpha   90.00
_cell.angle_beta   90.00
_cell.angle_gamma   90.00
#
_symmetry.space_group_name_H-M   'P 43'
#
loop_
_entity.id
_entity.type
_entity.pdbx_description
1 polymer 'peptide deformylase DEFB'
2 non-polymer 'FE (III) ION'
3 non-polymer GLYCEROL
4 water water
#
_entity_poly.entity_id   1
_entity_poly.type   'polypeptide(L)'
_entity_poly.pdbx_seq_one_letter_code
;MGSDKIHHHHHHMSAIERITKAAHLIDMNDIIREGNPTLRTVAEEVTFPLSDQEIILGEKMMQFLKHSQDPVMAEKMGLR
GGVGLAAPQLDISKRIIAVLVPNIVEEGETPQEAYDLEAIMYNPKIVSHSVQDAALGEGEG(OCS)LSVDRNVPGYVVRH
ARVTVDYFDKDGEKHRIKLKGYNSIVVQHEIDHINGIMFYDRINEKDPFAVKDGLLILE
;
_entity_poly.pdbx_strand_id   A
#
# COMPACT_ATOMS: atom_id res chain seq x y z
N MET A 13 -9.22 4.42 -22.88
CA MET A 13 -9.39 3.10 -22.19
C MET A 13 -9.22 3.20 -20.67
N SER A 14 -9.66 2.17 -19.97
CA SER A 14 -9.55 2.13 -18.52
C SER A 14 -8.09 2.06 -18.07
N ALA A 15 -7.84 2.49 -16.84
CA ALA A 15 -6.49 2.47 -16.31
C ALA A 15 -5.95 1.06 -16.32
N ILE A 16 -6.76 0.10 -15.90
CA ILE A 16 -6.25 -1.28 -15.84
C ILE A 16 -5.85 -1.80 -17.22
N GLU A 17 -6.64 -1.48 -18.23
CA GLU A 17 -6.34 -1.93 -19.57
C GLU A 17 -5.04 -1.29 -20.02
N ARG A 18 -4.90 0.01 -19.74
CA ARG A 18 -3.71 0.73 -20.11
C ARG A 18 -2.44 0.23 -19.41
N ILE A 19 -2.53 0.07 -18.10
CA ILE A 19 -1.37 -0.33 -17.31
C ILE A 19 -0.93 -1.75 -17.52
N THR A 20 -1.84 -2.64 -17.91
CA THR A 20 -1.43 -4.04 -18.07
C THR A 20 -0.91 -4.43 -19.46
N LYS A 21 -0.77 -3.42 -20.33
CA LYS A 21 -0.19 -3.68 -21.65
C LYS A 21 1.23 -4.15 -21.36
N ALA A 22 1.72 -5.12 -22.12
CA ALA A 22 3.06 -5.64 -21.89
C ALA A 22 4.13 -4.53 -21.84
N ALA A 23 3.98 -3.57 -22.71
CA ALA A 23 4.99 -2.50 -22.81
C ALA A 23 4.91 -1.44 -21.74
N HIS A 24 3.80 -1.39 -21.02
CA HIS A 24 3.68 -0.32 -20.02
C HIS A 24 4.58 -0.40 -18.77
N LEU A 25 5.14 0.74 -18.40
CA LEU A 25 5.98 0.83 -17.21
C LEU A 25 5.27 1.84 -16.33
N ILE A 26 4.83 1.42 -15.15
CA ILE A 26 4.13 2.35 -14.29
C ILE A 26 5.11 3.42 -13.86
N ASP A 27 4.68 4.66 -13.91
CA ASP A 27 5.57 5.71 -13.42
C ASP A 27 4.70 6.67 -12.65
N MET A 28 5.31 7.74 -12.14
CA MET A 28 4.54 8.64 -11.33
C MET A 28 3.31 9.19 -12.02
N ASN A 29 3.26 9.16 -13.35
CA ASN A 29 2.07 9.73 -14.00
C ASN A 29 0.86 8.85 -13.88
N ASP A 30 1.09 7.59 -13.56
CA ASP A 30 -0.04 6.69 -13.40
C ASP A 30 -0.61 6.78 -11.99
N ILE A 31 0.12 7.42 -11.09
CA ILE A 31 -0.30 7.53 -9.70
C ILE A 31 -1.15 8.74 -9.47
N ILE A 32 -2.40 8.53 -9.07
CA ILE A 32 -3.29 9.64 -8.82
C ILE A 32 -2.98 10.32 -7.48
N ARG A 33 -3.30 11.61 -7.39
CA ARG A 33 -3.00 12.38 -6.18
C ARG A 33 -4.21 12.82 -5.37
N GLU A 34 -3.95 13.33 -4.17
CA GLU A 34 -5.04 13.78 -3.31
C GLU A 34 -6.10 14.48 -4.13
N GLY A 35 -7.34 14.44 -3.65
CA GLY A 35 -8.40 15.11 -4.36
C GLY A 35 -9.04 14.23 -5.39
N ASN A 36 -8.28 13.28 -5.93
CA ASN A 36 -8.91 12.40 -6.90
C ASN A 36 -9.77 11.51 -6.06
N PRO A 37 -11.08 11.48 -6.34
CA PRO A 37 -12.07 10.69 -5.61
C PRO A 37 -11.77 9.22 -5.39
N THR A 38 -11.09 8.61 -6.35
CA THR A 38 -10.82 7.20 -6.26
C THR A 38 -10.08 6.83 -4.98
N LEU A 39 -9.31 7.75 -4.45
CA LEU A 39 -8.56 7.46 -3.24
C LEU A 39 -9.41 7.39 -1.97
N ARG A 40 -10.66 7.80 -2.09
CA ARG A 40 -11.59 7.80 -0.98
C ARG A 40 -12.76 6.86 -1.15
N THR A 41 -12.73 6.05 -2.20
CA THR A 41 -13.81 5.08 -2.44
C THR A 41 -13.31 3.71 -1.95
N VAL A 42 -14.21 2.86 -1.51
CA VAL A 42 -13.83 1.52 -1.05
C VAL A 42 -13.72 0.61 -2.27
N ALA A 43 -12.57 -0.04 -2.43
CA ALA A 43 -12.34 -0.90 -3.58
C ALA A 43 -13.12 -2.18 -3.61
N GLU A 44 -13.42 -2.63 -4.83
CA GLU A 44 -14.19 -3.84 -5.06
C GLU A 44 -13.31 -5.04 -4.89
N GLU A 45 -13.84 -6.04 -4.22
CA GLU A 45 -13.10 -7.28 -4.04
C GLU A 45 -12.88 -7.95 -5.40
N VAL A 46 -11.79 -8.70 -5.59
CA VAL A 46 -11.59 -9.36 -6.87
C VAL A 46 -12.17 -10.75 -6.74
N THR A 47 -12.58 -11.32 -7.87
CA THR A 47 -13.14 -12.66 -7.78
C THR A 47 -12.14 -13.62 -8.35
N PHE A 48 -12.27 -14.88 -7.96
CA PHE A 48 -11.40 -15.92 -8.46
C PHE A 48 -12.20 -16.89 -9.34
N PRO A 49 -11.59 -17.36 -10.42
CA PRO A 49 -10.22 -17.02 -10.77
C PRO A 49 -9.97 -15.62 -11.27
N LEU A 50 -8.73 -15.16 -11.08
CA LEU A 50 -8.36 -13.83 -11.53
C LEU A 50 -8.26 -13.79 -13.02
N SER A 51 -8.50 -12.61 -13.60
CA SER A 51 -8.30 -12.47 -15.02
C SER A 51 -6.81 -12.30 -15.22
N ASP A 52 -6.36 -12.50 -16.45
CA ASP A 52 -4.94 -12.30 -16.76
C ASP A 52 -4.60 -10.85 -16.43
N GLN A 53 -5.52 -9.94 -16.72
CA GLN A 53 -5.22 -8.52 -16.41
C GLN A 53 -4.98 -8.27 -14.93
N GLU A 54 -5.76 -8.91 -14.06
CA GLU A 54 -5.59 -8.70 -12.63
C GLU A 54 -4.27 -9.24 -12.15
N ILE A 55 -3.83 -10.32 -12.77
CA ILE A 55 -2.53 -10.92 -12.40
C ILE A 55 -1.43 -10.00 -12.88
N ILE A 56 -1.55 -9.58 -14.13
CA ILE A 56 -0.56 -8.67 -14.68
C ILE A 56 -0.51 -7.37 -13.90
N LEU A 57 -1.65 -6.86 -13.47
CA LEU A 57 -1.60 -5.61 -12.70
C LEU A 57 -0.75 -5.76 -11.44
N GLY A 58 -0.94 -6.87 -10.73
CA GLY A 58 -0.19 -7.05 -9.50
C GLY A 58 1.29 -7.08 -9.84
N GLU A 59 1.63 -7.75 -10.93
CA GLU A 59 3.02 -7.82 -11.34
C GLU A 59 3.57 -6.45 -11.71
N LYS A 60 2.77 -5.64 -12.39
CA LYS A 60 3.22 -4.28 -12.79
C LYS A 60 3.44 -3.44 -11.56
N MET A 61 2.57 -3.63 -10.56
CA MET A 61 2.70 -2.87 -9.32
C MET A 61 3.98 -3.24 -8.60
N MET A 62 4.28 -4.52 -8.53
CA MET A 62 5.52 -4.95 -7.87
C MET A 62 6.74 -4.47 -8.69
N GLN A 63 6.63 -4.50 -10.02
CA GLN A 63 7.78 -4.05 -10.83
C GLN A 63 8.05 -2.55 -10.53
N PHE A 64 6.96 -1.81 -10.38
CA PHE A 64 7.08 -0.40 -10.04
C PHE A 64 7.82 -0.19 -8.71
N LEU A 65 7.50 -0.99 -7.69
CA LEU A 65 8.20 -0.84 -6.43
C LEU A 65 9.69 -1.15 -6.59
N LYS A 66 9.98 -2.15 -7.39
CA LYS A 66 11.37 -2.51 -7.62
C LYS A 66 12.08 -1.39 -8.35
N HIS A 67 11.42 -0.80 -9.34
CA HIS A 67 12.04 0.29 -10.08
C HIS A 67 12.21 1.48 -9.14
N SER A 68 11.21 1.78 -8.33
CA SER A 68 11.31 2.90 -7.40
C SER A 68 12.45 2.73 -6.38
N GLN A 69 12.88 1.50 -6.16
CA GLN A 69 13.93 1.26 -5.17
C GLN A 69 15.32 1.09 -5.78
N ASP A 70 15.37 1.12 -7.11
CA ASP A 70 16.64 0.99 -7.82
C ASP A 70 17.08 2.42 -8.08
N PRO A 71 18.25 2.81 -7.54
CA PRO A 71 18.75 4.18 -7.73
C PRO A 71 18.83 4.58 -9.20
N VAL A 72 19.44 3.73 -10.00
CA VAL A 72 19.58 4.01 -11.43
C VAL A 72 18.22 4.15 -12.11
N MET A 73 17.35 3.17 -11.89
CA MET A 73 16.03 3.19 -12.50
C MET A 73 15.17 4.30 -11.91
N ALA A 74 15.22 4.48 -10.60
CA ALA A 74 14.41 5.51 -9.97
C ALA A 74 14.71 6.90 -10.54
N GLU A 75 15.99 7.15 -10.79
CA GLU A 75 16.35 8.45 -11.32
C GLU A 75 15.87 8.62 -12.75
N LYS A 76 16.14 7.60 -13.57
CA LYS A 76 15.73 7.66 -14.98
C LYS A 76 14.22 7.83 -15.16
N MET A 77 13.43 7.17 -14.32
CA MET A 77 11.98 7.25 -14.45
C MET A 77 11.33 8.36 -13.63
N GLY A 78 12.13 9.04 -12.80
CA GLY A 78 11.62 10.12 -11.97
C GLY A 78 10.70 9.56 -10.90
N LEU A 79 11.14 8.48 -10.27
CA LEU A 79 10.30 7.82 -9.27
C LEU A 79 10.71 8.14 -7.85
N ARG A 80 9.71 8.14 -6.96
CA ARG A 80 9.92 8.35 -5.53
C ARG A 80 10.05 6.94 -4.99
N GLY A 81 10.95 6.73 -4.03
CA GLY A 81 11.11 5.40 -3.46
C GLY A 81 9.87 5.04 -2.65
N GLY A 82 9.39 3.81 -2.75
CA GLY A 82 8.21 3.40 -2.01
C GLY A 82 8.36 1.95 -1.64
N VAL A 83 7.57 1.48 -0.66
CA VAL A 83 7.63 0.06 -0.25
C VAL A 83 6.23 -0.54 -0.36
N GLY A 84 5.26 0.24 -0.80
CA GLY A 84 3.90 -0.30 -0.94
C GLY A 84 3.13 0.47 -1.98
N LEU A 85 2.11 -0.15 -2.57
CA LEU A 85 1.29 0.51 -3.60
C LEU A 85 -0.02 -0.21 -3.64
N ALA A 86 -1.11 0.54 -3.71
CA ALA A 86 -2.44 -0.06 -3.78
C ALA A 86 -3.12 0.28 -5.13
N ALA A 87 -3.90 -0.65 -5.68
CA ALA A 87 -4.48 -0.40 -6.99
C ALA A 87 -5.26 0.93 -7.06
N PRO A 88 -5.94 1.32 -5.99
CA PRO A 88 -6.67 2.60 -6.11
C PRO A 88 -5.75 3.79 -6.45
N GLN A 89 -4.47 3.71 -6.08
CA GLN A 89 -3.54 4.79 -6.37
C GLN A 89 -3.29 4.89 -7.86
N LEU A 90 -3.70 3.87 -8.61
CA LEU A 90 -3.50 3.85 -10.05
C LEU A 90 -4.85 4.06 -10.70
N ASP A 91 -5.80 4.48 -9.88
CA ASP A 91 -7.18 4.71 -10.31
C ASP A 91 -7.90 3.43 -10.67
N ILE A 92 -7.50 2.34 -10.01
CA ILE A 92 -8.14 1.05 -10.26
C ILE A 92 -8.76 0.63 -8.94
N SER A 93 -10.08 0.60 -8.88
CA SER A 93 -10.76 0.31 -7.64
C SER A 93 -10.94 -1.16 -7.38
N LYS A 94 -9.79 -1.82 -7.19
CA LYS A 94 -9.77 -3.26 -6.91
C LYS A 94 -8.91 -3.45 -5.65
N ARG A 95 -9.27 -4.45 -4.86
CA ARG A 95 -8.59 -4.77 -3.60
C ARG A 95 -7.32 -5.57 -3.89
N ILE A 96 -6.31 -4.87 -4.40
CA ILE A 96 -5.02 -5.48 -4.80
C ILE A 96 -3.95 -4.56 -4.28
N ILE A 97 -2.99 -5.09 -3.57
CA ILE A 97 -1.91 -4.20 -3.10
C ILE A 97 -0.58 -4.91 -3.33
N ALA A 98 0.51 -4.16 -3.37
CA ALA A 98 1.84 -4.77 -3.52
C ALA A 98 2.70 -4.17 -2.40
N VAL A 99 3.51 -5.00 -1.73
CA VAL A 99 4.39 -4.49 -0.68
C VAL A 99 5.75 -5.08 -0.93
N LEU A 100 6.78 -4.26 -0.76
CA LEU A 100 8.14 -4.72 -1.04
C LEU A 100 9.03 -3.97 -0.04
N VAL A 101 9.45 -4.65 1.02
CA VAL A 101 10.25 -4.01 2.05
C VAL A 101 11.64 -4.59 1.98
N PRO A 102 12.64 -3.77 1.61
CA PRO A 102 13.99 -4.34 1.53
C PRO A 102 14.56 -4.63 2.89
N ASN A 103 15.42 -5.63 2.94
CA ASN A 103 16.04 -6.00 4.20
C ASN A 103 17.06 -4.92 4.49
N TYR A 115 14.83 -9.13 0.42
CA TYR A 115 13.58 -8.47 0.93
C TYR A 115 13.03 -9.12 2.18
N ASP A 116 12.63 -8.29 3.14
CA ASP A 116 12.05 -8.75 4.37
C ASP A 116 10.60 -9.14 4.08
N LEU A 117 9.97 -8.40 3.17
CA LEU A 117 8.59 -8.68 2.79
C LEU A 117 8.41 -8.37 1.31
N GLU A 118 7.82 -9.32 0.58
CA GLU A 118 7.57 -9.12 -0.82
C GLU A 118 6.27 -9.85 -1.09
N ALA A 119 5.20 -9.11 -1.39
CA ALA A 119 3.97 -9.82 -1.66
C ALA A 119 3.04 -9.01 -2.52
N ILE A 120 2.32 -9.69 -3.40
CA ILE A 120 1.26 -9.01 -4.18
C ILE A 120 0.04 -9.67 -3.47
N MET A 121 -0.86 -8.87 -2.91
CA MET A 121 -1.95 -9.42 -2.14
C MET A 121 -3.28 -9.05 -2.75
N TYR A 122 -4.12 -10.09 -2.94
CA TYR A 122 -5.47 -9.93 -3.49
C TYR A 122 -6.45 -10.08 -2.36
N ASN A 123 -7.45 -9.19 -2.30
CA ASN A 123 -8.39 -9.14 -1.17
C ASN A 123 -7.78 -9.30 0.23
N PRO A 124 -6.73 -8.55 0.55
CA PRO A 124 -6.12 -8.65 1.88
C PRO A 124 -7.08 -8.15 2.92
N LYS A 125 -7.01 -8.73 4.09
CA LYS A 125 -7.89 -8.35 5.17
C LYS A 125 -7.22 -8.60 6.51
N ILE A 126 -7.34 -7.65 7.43
CA ILE A 126 -6.81 -7.85 8.77
C ILE A 126 -7.85 -8.70 9.52
N VAL A 127 -7.43 -9.87 10.02
CA VAL A 127 -8.32 -10.78 10.71
C VAL A 127 -8.06 -10.78 12.20
N SER A 128 -6.95 -10.20 12.61
CA SER A 128 -6.67 -10.06 14.03
C SER A 128 -5.69 -8.88 14.24
N HIS A 129 -5.85 -8.12 15.32
CA HIS A 129 -4.86 -7.05 15.57
C HIS A 129 -4.58 -6.93 17.06
N SER A 130 -3.40 -6.40 17.39
CA SER A 130 -3.01 -6.23 18.78
C SER A 130 -3.72 -5.07 19.41
N VAL A 131 -3.81 -5.12 20.74
CA VAL A 131 -4.44 -4.01 21.46
C VAL A 131 -3.42 -2.88 21.33
N GLN A 132 -2.14 -3.23 21.48
CA GLN A 132 -1.07 -2.23 21.38
C GLN A 132 -1.07 -1.56 20.02
N ASP A 133 -0.75 -0.27 19.98
CA ASP A 133 -0.68 0.46 18.72
C ASP A 133 0.80 0.76 18.45
N ALA A 134 1.11 1.21 17.23
CA ALA A 134 2.45 1.57 16.88
C ALA A 134 2.41 2.65 15.83
N ALA A 135 3.53 3.37 15.73
CA ALA A 135 3.67 4.43 14.73
C ALA A 135 5.13 4.58 14.39
N LEU A 136 5.41 4.89 13.14
CA LEU A 136 6.80 5.06 12.78
C LEU A 136 7.26 6.39 13.40
N GLY A 137 8.42 6.35 14.03
CA GLY A 137 8.95 7.55 14.65
C GLY A 137 9.07 8.64 13.63
N GLU A 138 9.61 8.32 12.46
CA GLU A 138 9.78 9.37 11.47
C GLU A 138 8.50 9.72 10.71
N GLY A 139 7.35 9.19 11.13
CA GLY A 139 6.12 9.52 10.43
C GLY A 139 5.90 8.78 9.08
N GLU A 140 4.87 9.16 8.32
CA GLU A 140 4.58 8.54 7.00
C GLU A 140 4.37 9.52 5.81
N GLY A 141 4.78 9.07 4.63
CA GLY A 141 4.59 9.83 3.40
C GLY A 141 3.73 8.97 2.48
N LEU A 143 2.98 8.34 -1.96
CA LEU A 143 3.27 8.73 -3.34
C LEU A 143 2.15 9.56 -3.96
N SER A 144 0.99 9.51 -3.34
CA SER A 144 -0.15 10.24 -3.83
C SER A 144 -0.28 11.58 -3.11
N VAL A 145 0.66 11.85 -2.20
CA VAL A 145 0.65 13.10 -1.43
C VAL A 145 1.92 13.87 -1.67
N ASP A 146 1.79 15.00 -2.35
CA ASP A 146 2.93 15.82 -2.67
C ASP A 146 2.94 16.93 -1.65
N ARG A 147 3.56 16.62 -0.51
CA ARG A 147 3.67 17.53 0.62
C ARG A 147 3.91 16.65 1.83
N ASN A 148 4.03 17.28 2.99
CA ASN A 148 4.24 16.53 4.21
C ASN A 148 3.17 16.83 5.22
N VAL A 149 2.81 15.80 5.98
CA VAL A 149 1.84 15.92 7.03
C VAL A 149 2.66 15.26 8.13
N PRO A 150 3.31 16.06 8.98
CA PRO A 150 4.11 15.41 10.04
C PRO A 150 3.21 14.84 11.13
N GLY A 151 3.76 13.93 11.91
CA GLY A 151 2.98 13.36 12.97
C GLY A 151 3.09 11.86 13.01
N TYR A 152 2.64 11.30 14.13
CA TYR A 152 2.64 9.86 14.29
C TYR A 152 1.36 9.32 13.69
N VAL A 153 1.49 8.40 12.74
CA VAL A 153 0.31 7.80 12.11
C VAL A 153 0.04 6.57 12.96
N VAL A 154 -1.01 6.62 13.77
CA VAL A 154 -1.32 5.54 14.71
C VAL A 154 -1.97 4.33 14.06
N ARG A 155 -1.29 3.19 14.22
CA ARG A 155 -1.77 1.95 13.62
C ARG A 155 -1.70 0.81 14.63
N HIS A 156 -2.16 -0.36 14.23
CA HIS A 156 -2.03 -1.49 15.15
C HIS A 156 -0.58 -1.87 15.16
N ALA A 157 -0.07 -2.26 16.31
CA ALA A 157 1.32 -2.69 16.38
C ALA A 157 1.49 -3.97 15.56
N ARG A 158 0.58 -4.92 15.79
CA ARG A 158 0.68 -6.22 15.14
C ARG A 158 -0.64 -6.60 14.46
N VAL A 159 -0.55 -7.30 13.34
CA VAL A 159 -1.75 -7.70 12.64
C VAL A 159 -1.58 -9.06 12.05
N THR A 160 -2.69 -9.76 11.95
CA THR A 160 -2.71 -11.05 11.25
C THR A 160 -3.49 -10.71 9.99
N VAL A 161 -2.89 -11.00 8.84
CA VAL A 161 -3.50 -10.64 7.56
C VAL A 161 -3.73 -11.87 6.72
N ASP A 162 -4.95 -11.97 6.20
CA ASP A 162 -5.33 -13.01 5.28
C ASP A 162 -5.32 -12.37 3.90
N TYR A 163 -4.77 -13.04 2.90
CA TYR A 163 -4.88 -12.53 1.53
C TYR A 163 -4.76 -13.70 0.57
N PHE A 164 -5.12 -13.47 -0.67
CA PHE A 164 -4.99 -14.49 -1.70
C PHE A 164 -3.89 -14.13 -2.65
N ASP A 165 -3.14 -15.13 -3.15
CA ASP A 165 -2.14 -14.77 -4.10
C ASP A 165 -2.74 -14.95 -5.48
N LYS A 166 -1.93 -14.78 -6.50
CA LYS A 166 -2.41 -14.88 -7.89
C LYS A 166 -3.11 -16.17 -8.29
N ASP A 167 -2.82 -17.26 -7.59
CA ASP A 167 -3.43 -18.55 -7.92
C ASP A 167 -4.62 -18.81 -7.05
N GLY A 168 -5.07 -17.79 -6.33
CA GLY A 168 -6.21 -18.02 -5.48
C GLY A 168 -5.91 -18.80 -4.23
N GLU A 169 -4.62 -18.98 -3.92
CA GLU A 169 -4.31 -19.69 -2.66
C GLU A 169 -4.39 -18.70 -1.49
N LYS A 170 -4.90 -19.14 -0.35
CA LYS A 170 -5.01 -18.23 0.81
C LYS A 170 -3.75 -18.28 1.68
N HIS A 171 -3.34 -17.12 2.15
CA HIS A 171 -2.17 -17.05 3.01
C HIS A 171 -2.63 -16.30 4.23
N ARG A 172 -2.08 -16.66 5.38
CA ARG A 172 -2.41 -16.00 6.62
C ARG A 172 -1.07 -15.71 7.25
N ILE A 173 -0.75 -14.43 7.33
CA ILE A 173 0.55 -14.04 7.85
C ILE A 173 0.44 -13.15 9.06
N LYS A 174 1.47 -13.14 9.91
CA LYS A 174 1.47 -12.26 11.05
C LYS A 174 2.60 -11.25 10.86
N LEU A 175 2.28 -10.00 11.09
CA LEU A 175 3.25 -8.93 10.85
C LEU A 175 3.43 -8.10 12.09
N LYS A 176 4.61 -7.51 12.22
CA LYS A 176 4.85 -6.63 13.35
C LYS A 176 5.84 -5.60 12.86
N GLY A 177 6.18 -4.64 13.71
CA GLY A 177 7.15 -3.64 13.32
C GLY A 177 6.80 -2.89 12.05
N TYR A 178 7.84 -2.59 11.29
CA TYR A 178 7.67 -1.80 10.08
C TYR A 178 6.78 -2.52 9.05
N ASN A 179 6.95 -3.84 8.91
CA ASN A 179 6.11 -4.57 7.93
C ASN A 179 4.64 -4.42 8.21
N SER A 180 4.29 -4.48 9.48
CA SER A 180 2.89 -4.32 9.89
C SER A 180 2.37 -2.95 9.45
N ILE A 181 3.20 -1.93 9.67
CA ILE A 181 2.79 -0.60 9.28
C ILE A 181 2.55 -0.47 7.78
N VAL A 182 3.49 -0.98 7.00
CA VAL A 182 3.41 -0.85 5.56
C VAL A 182 2.16 -1.53 5.03
N VAL A 183 1.88 -2.74 5.50
CA VAL A 183 0.71 -3.44 5.00
C VAL A 183 -0.57 -2.75 5.42
N GLN A 184 -0.62 -2.23 6.65
CA GLN A 184 -1.85 -1.57 7.07
C GLN A 184 -2.05 -0.32 6.25
N HIS A 185 -0.94 0.29 5.90
CA HIS A 185 -1.01 1.53 5.11
C HIS A 185 -1.64 1.21 3.75
N GLU A 186 -1.17 0.14 3.11
CA GLU A 186 -1.78 -0.20 1.82
C GLU A 186 -3.24 -0.68 1.95
N ILE A 187 -3.54 -1.48 2.98
CA ILE A 187 -4.92 -1.92 3.11
C ILE A 187 -5.82 -0.70 3.32
N ASP A 188 -5.28 0.33 3.98
CA ASP A 188 -6.11 1.52 4.21
C ASP A 188 -6.57 2.08 2.86
N HIS A 189 -5.69 2.07 1.86
CA HIS A 189 -6.04 2.60 0.55
C HIS A 189 -7.21 1.89 -0.07
N ILE A 190 -7.32 0.58 0.11
CA ILE A 190 -8.42 -0.08 -0.54
C ILE A 190 -9.70 0.11 0.22
N ASN A 191 -9.60 0.79 1.36
CA ASN A 191 -10.80 1.13 2.12
C ASN A 191 -11.04 2.65 2.07
N GLY A 192 -10.23 3.32 1.27
CA GLY A 192 -10.39 4.75 1.09
C GLY A 192 -9.94 5.59 2.25
N ILE A 193 -8.89 5.14 2.93
CA ILE A 193 -8.33 5.84 4.07
C ILE A 193 -6.91 6.31 3.77
N MET A 194 -6.59 7.53 4.15
CA MET A 194 -5.26 8.11 3.92
C MET A 194 -4.48 8.20 5.21
N PHE A 195 -3.16 8.13 5.14
CA PHE A 195 -2.36 8.10 6.34
C PHE A 195 -2.59 9.22 7.32
N TYR A 196 -2.79 10.45 6.81
CA TYR A 196 -3.00 11.55 7.73
C TYR A 196 -4.31 11.43 8.53
N ASP A 197 -5.23 10.61 8.05
CA ASP A 197 -6.48 10.40 8.79
C ASP A 197 -6.20 9.79 10.17
N ARG A 198 -5.04 9.16 10.36
CA ARG A 198 -4.73 8.53 11.64
C ARG A 198 -3.71 9.27 12.51
N ILE A 199 -3.36 10.50 12.12
CA ILE A 199 -2.43 11.34 12.91
C ILE A 199 -3.33 12.17 13.83
N ASN A 200 -2.92 12.36 15.08
CA ASN A 200 -3.73 13.13 16.03
C ASN A 200 -3.75 14.61 15.72
N GLU A 201 -4.90 15.09 15.26
CA GLU A 201 -5.11 16.49 14.90
C GLU A 201 -4.58 17.48 15.93
N LYS A 202 -5.02 17.31 17.18
CA LYS A 202 -4.59 18.19 18.27
C LYS A 202 -3.09 18.22 18.40
N ASP A 203 -2.52 17.12 18.89
CA ASP A 203 -1.08 17.02 19.04
C ASP A 203 -0.58 15.83 18.24
N PRO A 204 -0.07 16.10 17.02
CA PRO A 204 0.46 15.09 16.10
C PRO A 204 1.59 14.22 16.64
N PHE A 205 2.27 14.66 17.70
CA PHE A 205 3.35 13.84 18.24
C PHE A 205 3.09 13.32 19.64
N ALA A 206 1.82 13.36 20.02
CA ALA A 206 1.38 12.85 21.30
C ALA A 206 1.69 11.33 21.36
N VAL A 207 2.18 10.86 22.50
CA VAL A 207 2.46 9.45 22.63
C VAL A 207 1.45 8.87 23.62
N LYS A 208 0.31 8.46 23.09
CA LYS A 208 -0.76 7.91 23.90
C LYS A 208 -0.31 6.63 24.60
N ASP A 209 -1.01 6.29 25.67
CA ASP A 209 -0.66 5.09 26.39
C ASP A 209 -0.87 3.90 25.45
N GLY A 210 0.05 2.94 25.48
CA GLY A 210 -0.11 1.79 24.62
C GLY A 210 0.35 2.03 23.20
N LEU A 211 1.00 3.17 22.95
CA LEU A 211 1.50 3.47 21.59
C LEU A 211 2.98 3.26 21.51
N LEU A 212 3.38 2.38 20.63
CA LEU A 212 4.77 2.09 20.46
C LEU A 212 5.33 2.91 19.29
N ILE A 213 6.37 3.70 19.55
CA ILE A 213 6.97 4.51 18.49
C ILE A 213 8.17 3.71 17.96
N LEU A 214 8.16 3.42 16.67
CA LEU A 214 9.20 2.63 16.06
C LEU A 214 10.34 3.49 15.56
#